data_2M57
#
_entry.id   2M57
#
_entity_poly.entity_id   1
_entity_poly.type   'polyribonucleotide'
_entity_poly.pdbx_seq_one_letter_code
;GGAGCCGUAUGCGGUAGUUCCGCACGUACGGAUCU
;
_entity_poly.pdbx_strand_id   A
#
loop_
_chem_comp.id
_chem_comp.type
_chem_comp.name
_chem_comp.formula
A RNA linking ADENOSINE-5'-MONOPHOSPHATE 'C10 H14 N5 O7 P'
C RNA linking CYTIDINE-5'-MONOPHOSPHATE 'C9 H14 N3 O8 P'
G RNA linking GUANOSINE-5'-MONOPHOSPHATE 'C10 H14 N5 O8 P'
U RNA linking URIDINE-5'-MONOPHOSPHATE 'C9 H13 N2 O9 P'
#